data_2JPY
#
_entry.id   2JPY
#
_cell.length_a   1.000
_cell.length_b   1.000
_cell.length_c   1.000
_cell.angle_alpha   90.00
_cell.angle_beta   90.00
_cell.angle_gamma   90.00
#
_symmetry.space_group_name_H-M   'P 1'
#
_entity_poly.entity_id   1
_entity_poly.type   'polypeptide(L)'
_entity_poly.pdbx_seq_one_letter_code
;FLSLIPHAINAVSTLVHHF(NH2)
;
_entity_poly.pdbx_strand_id   A
#
loop_
_chem_comp.id
_chem_comp.type
_chem_comp.name
_chem_comp.formula
NH2 non-polymer 'AMINO GROUP' 'H2 N'
#
# COMPACT_ATOMS: atom_id res chain seq x y z
N PHE A 1 6.46 0.59 -16.37
CA PHE A 1 7.27 1.56 -15.58
C PHE A 1 7.20 1.18 -14.10
N LEU A 2 8.37 1.02 -13.49
CA LEU A 2 8.43 0.65 -12.07
C LEU A 2 8.18 1.88 -11.20
N SER A 3 6.93 2.04 -10.75
CA SER A 3 6.57 3.18 -9.91
C SER A 3 5.11 3.08 -9.50
N LEU A 4 4.57 1.86 -9.48
CA LEU A 4 3.18 1.63 -9.11
C LEU A 4 3.10 0.74 -7.88
N ILE A 5 4.19 0.04 -7.59
CA ILE A 5 4.22 -0.86 -6.44
C ILE A 5 4.24 -0.07 -5.11
N PRO A 6 4.94 1.04 -5.08
CA PRO A 6 5.03 1.89 -3.86
C PRO A 6 3.65 2.31 -3.34
N HIS A 7 2.70 2.46 -4.27
CA HIS A 7 1.35 2.86 -3.89
C HIS A 7 0.56 1.69 -3.35
N ALA A 8 0.74 0.52 -3.97
CA ALA A 8 0.04 -0.68 -3.53
C ALA A 8 0.38 -1.02 -2.09
N ILE A 9 1.67 -1.06 -1.79
CA ILE A 9 2.13 -1.37 -0.43
C ILE A 9 1.48 -0.43 0.58
N ASN A 10 1.43 0.85 0.24
CA ASN A 10 0.85 1.84 1.14
C ASN A 10 -0.61 1.51 1.44
N ALA A 11 -1.39 1.33 0.39
CA ALA A 11 -2.81 1.01 0.56
C ALA A 11 -3.00 -0.12 1.57
N VAL A 12 -2.20 -1.16 1.44
CA VAL A 12 -2.29 -2.31 2.33
C VAL A 12 -2.03 -1.87 3.78
N SER A 13 -0.89 -1.21 3.99
CA SER A 13 -0.53 -0.75 5.32
C SER A 13 -1.71 -0.02 5.98
N THR A 14 -2.68 0.37 5.16
CA THR A 14 -3.85 1.07 5.69
C THR A 14 -4.83 0.09 6.32
N LEU A 15 -4.94 -1.07 5.70
CA LEU A 15 -5.82 -2.11 6.22
C LEU A 15 -5.41 -2.48 7.64
N VAL A 16 -4.10 -2.58 7.84
CA VAL A 16 -3.58 -2.92 9.15
C VAL A 16 -3.74 -1.75 10.12
N HIS A 17 -3.94 -0.56 9.57
CA HIS A 17 -4.11 0.64 10.39
C HIS A 17 -5.50 0.67 11.00
N HIS A 18 -6.53 0.67 10.15
CA HIS A 18 -7.90 0.70 10.62
C HIS A 18 -8.28 -0.62 11.28
N PHE A 19 -8.35 -1.68 10.49
CA PHE A 19 -8.70 -2.99 11.00
C PHE A 19 -7.58 -3.54 11.88
N NH2 A 20 -6.40 -3.76 11.36
HN1 NH2 A 20 -5.68 -4.11 11.93
HN2 NH2 A 20 -6.24 -3.57 10.41
N PHE A 1 10.19 -6.94 -12.12
CA PHE A 1 9.93 -6.54 -10.71
C PHE A 1 9.47 -5.09 -10.67
N LEU A 2 9.92 -4.36 -9.66
CA LEU A 2 9.56 -2.96 -9.51
C LEU A 2 8.05 -2.79 -9.58
N SER A 3 7.55 -2.42 -10.76
CA SER A 3 6.12 -2.24 -10.94
C SER A 3 5.58 -1.22 -9.95
N LEU A 4 4.28 -0.94 -10.02
CA LEU A 4 3.66 0.03 -9.12
C LEU A 4 3.33 -0.62 -7.78
N ILE A 5 4.24 -1.47 -7.29
CA ILE A 5 4.03 -2.13 -6.02
C ILE A 5 4.29 -1.20 -4.84
N PRO A 6 5.23 -0.29 -4.97
CA PRO A 6 5.57 0.67 -3.88
C PRO A 6 4.36 1.49 -3.42
N HIS A 7 3.70 2.13 -4.38
CA HIS A 7 2.52 2.94 -4.08
C HIS A 7 1.37 2.06 -3.60
N ALA A 8 1.34 0.82 -4.07
CA ALA A 8 0.30 -0.12 -3.69
C ALA A 8 0.32 -0.37 -2.19
N ILE A 9 1.49 -0.78 -1.69
CA ILE A 9 1.64 -1.06 -0.27
C ILE A 9 1.07 0.08 0.57
N ASN A 10 1.48 1.30 0.26
CA ASN A 10 1.00 2.48 0.99
C ASN A 10 -0.52 2.41 1.17
N ALA A 11 -1.22 2.07 0.10
CA ALA A 11 -2.67 1.97 0.15
C ALA A 11 -3.11 0.91 1.15
N VAL A 12 -2.71 -0.33 0.90
CA VAL A 12 -3.07 -1.43 1.79
C VAL A 12 -2.77 -1.08 3.24
N SER A 13 -1.73 -0.28 3.44
CA SER A 13 -1.34 0.14 4.79
C SER A 13 -2.56 0.59 5.58
N THR A 14 -3.66 0.84 4.88
CA THR A 14 -4.89 1.28 5.52
C THR A 14 -5.49 0.14 6.34
N LEU A 15 -5.41 -1.05 5.80
CA LEU A 15 -5.94 -2.24 6.46
C LEU A 15 -5.28 -2.40 7.84
N VAL A 16 -3.96 -2.36 7.87
CA VAL A 16 -3.23 -2.51 9.12
C VAL A 16 -3.63 -1.42 10.12
N HIS A 17 -4.16 -0.32 9.60
CA HIS A 17 -4.56 0.79 10.46
C HIS A 17 -5.73 0.37 11.36
N HIS A 18 -6.82 -0.11 10.73
CA HIS A 18 -7.99 -0.54 11.48
C HIS A 18 -7.80 -1.95 12.01
N PHE A 19 -7.69 -2.91 11.11
CA PHE A 19 -7.50 -4.31 11.50
C PHE A 19 -6.23 -4.45 12.33
N NH2 A 20 -5.43 -3.44 12.47
HN1 NH2 A 20 -4.62 -3.53 13.01
HN2 NH2 A 20 -5.65 -2.58 12.05
N PHE A 1 8.20 -2.84 -14.60
CA PHE A 1 7.04 -2.24 -13.88
C PHE A 1 7.37 -2.10 -12.40
N LEU A 2 8.66 -1.95 -12.11
CA LEU A 2 9.11 -1.79 -10.73
C LEU A 2 9.14 -0.33 -10.33
N SER A 3 7.98 0.21 -9.98
CA SER A 3 7.88 1.61 -9.58
C SER A 3 6.47 1.95 -9.12
N LEU A 4 5.51 1.10 -9.50
CA LEU A 4 4.12 1.30 -9.13
C LEU A 4 3.75 0.41 -7.95
N ILE A 5 4.68 -0.42 -7.52
CA ILE A 5 4.45 -1.33 -6.41
C ILE A 5 4.44 -0.58 -5.06
N PRO A 6 5.27 0.42 -4.92
CA PRO A 6 5.36 1.20 -3.65
C PRO A 6 4.01 1.80 -3.25
N HIS A 7 3.20 2.15 -4.25
CA HIS A 7 1.89 2.73 -3.98
C HIS A 7 0.92 1.66 -3.49
N ALA A 8 1.01 0.47 -4.06
CA ALA A 8 0.14 -0.64 -3.67
C ALA A 8 0.22 -0.86 -2.16
N ILE A 9 1.42 -0.82 -1.62
CA ILE A 9 1.62 -1.03 -0.19
C ILE A 9 0.82 0.00 0.62
N ASN A 10 0.86 1.24 0.18
CA ASN A 10 0.14 2.31 0.87
C ASN A 10 -1.26 1.85 1.26
N ALA A 11 -2.06 1.50 0.26
CA ALA A 11 -3.42 1.05 0.52
C ALA A 11 -3.44 -0.04 1.59
N VAL A 12 -2.52 -0.98 1.49
CA VAL A 12 -2.44 -2.07 2.46
C VAL A 12 -2.07 -1.53 3.84
N SER A 13 -0.91 -0.89 3.93
CA SER A 13 -0.46 -0.33 5.19
C SER A 13 -1.58 0.40 5.91
N THR A 14 -2.63 0.74 5.15
CA THR A 14 -3.78 1.44 5.72
C THR A 14 -4.72 0.46 6.39
N LEU A 15 -4.96 -0.64 5.71
CA LEU A 15 -5.84 -1.68 6.23
C LEU A 15 -5.34 -2.15 7.60
N VAL A 16 -4.03 -2.34 7.69
CA VAL A 16 -3.43 -2.79 8.93
C VAL A 16 -3.60 -1.73 10.01
N HIS A 17 -3.91 -0.50 9.59
CA HIS A 17 -4.10 0.60 10.53
C HIS A 17 -5.41 0.44 11.29
N HIS A 18 -6.51 0.32 10.54
CA HIS A 18 -7.82 0.16 11.16
C HIS A 18 -8.09 -1.31 11.48
N PHE A 19 -8.17 -2.13 10.43
CA PHE A 19 -8.42 -3.56 10.62
C PHE A 19 -7.26 -4.21 11.36
N NH2 A 20 -6.40 -3.47 12.00
HN1 NH2 A 20 -5.66 -3.88 12.48
HN2 NH2 A 20 -6.51 -2.49 11.99
N PHE A 1 10.14 -0.86 -13.89
CA PHE A 1 10.58 0.53 -13.61
C PHE A 1 9.74 1.10 -12.46
N LEU A 2 9.50 0.27 -11.45
CA LEU A 2 8.72 0.70 -10.29
C LEU A 2 7.34 1.19 -10.73
N SER A 3 6.52 0.27 -11.22
CA SER A 3 5.17 0.62 -11.66
C SER A 3 4.36 1.19 -10.51
N LEU A 4 3.07 0.86 -10.47
CA LEU A 4 2.20 1.34 -9.42
C LEU A 4 2.32 0.48 -8.17
N ILE A 5 3.54 -0.02 -7.91
CA ILE A 5 3.77 -0.86 -6.75
C ILE A 5 3.89 -0.03 -5.46
N PRO A 6 4.42 1.16 -5.54
CA PRO A 6 4.57 2.04 -4.34
C PRO A 6 3.25 2.26 -3.61
N HIS A 7 2.20 2.58 -4.37
CA HIS A 7 0.89 2.82 -3.77
C HIS A 7 0.34 1.54 -3.18
N ALA A 8 0.64 0.40 -3.82
CA ALA A 8 0.16 -0.89 -3.34
C ALA A 8 0.64 -1.14 -1.91
N ILE A 9 1.93 -0.92 -1.68
CA ILE A 9 2.51 -1.13 -0.35
C ILE A 9 1.74 -0.33 0.70
N ASN A 10 1.53 0.95 0.42
CA ASN A 10 0.80 1.82 1.35
C ASN A 10 -0.58 1.25 1.65
N ALA A 11 -1.27 0.78 0.61
CA ALA A 11 -2.59 0.21 0.76
C ALA A 11 -2.61 -0.81 1.89
N VAL A 12 -1.53 -1.59 2.01
CA VAL A 12 -1.44 -2.59 3.04
C VAL A 12 -1.29 -1.96 4.42
N SER A 13 -0.46 -0.91 4.49
CA SER A 13 -0.22 -0.22 5.76
C SER A 13 -1.51 0.44 6.25
N THR A 14 -2.43 0.70 5.32
CA THR A 14 -3.70 1.34 5.68
C THR A 14 -4.67 0.30 6.22
N LEU A 15 -4.59 -0.91 5.67
CA LEU A 15 -5.46 -1.99 6.10
C LEU A 15 -5.25 -2.29 7.58
N VAL A 16 -3.99 -2.51 7.96
CA VAL A 16 -3.68 -2.80 9.35
C VAL A 16 -3.99 -1.61 10.24
N HIS A 17 -4.06 -0.43 9.63
CA HIS A 17 -4.36 0.79 10.37
C HIS A 17 -5.78 0.75 10.94
N HIS A 18 -6.76 0.70 10.06
CA HIS A 18 -8.16 0.65 10.48
C HIS A 18 -8.58 -0.78 10.80
N PHE A 19 -8.61 -1.63 9.78
CA PHE A 19 -9.00 -3.02 9.95
C PHE A 19 -7.98 -3.75 10.82
N NH2 A 20 -7.11 -4.54 10.26
HN1 NH2 A 20 -6.44 -5.01 10.82
HN2 NH2 A 20 -7.12 -4.66 9.28
N PHE A 1 0.24 0.29 -15.14
CA PHE A 1 1.64 0.51 -15.59
C PHE A 1 2.60 0.11 -14.46
N LEU A 2 3.88 0.07 -14.77
CA LEU A 2 4.89 -0.29 -13.79
C LEU A 2 5.11 0.85 -12.80
N SER A 3 6.04 0.65 -11.87
CA SER A 3 6.33 1.67 -10.87
C SER A 3 5.07 2.03 -10.08
N LEU A 4 4.08 1.14 -10.14
CA LEU A 4 2.82 1.37 -9.42
C LEU A 4 2.74 0.47 -8.20
N ILE A 5 3.69 -0.45 -8.07
CA ILE A 5 3.71 -1.37 -6.95
C ILE A 5 4.15 -0.66 -5.66
N PRO A 6 5.06 0.28 -5.75
CA PRO A 6 5.56 1.03 -4.56
C PRO A 6 4.43 1.72 -3.80
N HIS A 7 3.45 2.24 -4.54
CA HIS A 7 2.33 2.94 -3.93
C HIS A 7 1.36 1.94 -3.31
N ALA A 8 1.36 0.71 -3.83
CA ALA A 8 0.48 -0.33 -3.30
C ALA A 8 0.72 -0.55 -1.82
N ILE A 9 1.99 -0.69 -1.44
CA ILE A 9 2.35 -0.92 -0.05
C ILE A 9 1.55 0.00 0.86
N ASN A 10 1.45 1.27 0.47
CA ASN A 10 0.70 2.24 1.27
C ASN A 10 -0.75 1.84 1.40
N ALA A 11 -1.37 1.48 0.27
CA ALA A 11 -2.77 1.08 0.25
C ALA A 11 -3.04 0.06 1.36
N VAL A 12 -2.35 -1.07 1.31
CA VAL A 12 -2.53 -2.12 2.31
C VAL A 12 -2.30 -1.56 3.72
N SER A 13 -1.22 -0.81 3.88
CA SER A 13 -0.89 -0.23 5.17
C SER A 13 -2.12 0.42 5.80
N THR A 14 -3.15 0.64 4.99
CA THR A 14 -4.38 1.26 5.47
C THR A 14 -5.23 0.25 6.22
N LEU A 15 -5.36 -0.92 5.62
CA LEU A 15 -6.15 -1.99 6.22
C LEU A 15 -5.66 -2.26 7.64
N VAL A 16 -4.34 -2.37 7.79
CA VAL A 16 -3.74 -2.62 9.09
C VAL A 16 -4.01 -1.45 10.04
N HIS A 17 -4.41 -0.32 9.47
CA HIS A 17 -4.69 0.86 10.28
C HIS A 17 -5.85 0.60 11.23
N HIS A 18 -7.00 0.21 10.67
CA HIS A 18 -8.18 -0.07 11.46
C HIS A 18 -8.13 -1.50 12.01
N PHE A 19 -7.94 -2.46 11.11
CA PHE A 19 -7.88 -3.86 11.52
C PHE A 19 -6.64 -4.11 12.39
N NH2 A 20 -5.47 -4.21 11.82
HN1 NH2 A 20 -4.67 -4.36 12.37
HN2 NH2 A 20 -5.39 -4.11 10.84
N PHE A 1 7.31 -2.16 -14.27
CA PHE A 1 7.00 -1.99 -12.82
C PHE A 1 8.12 -1.19 -12.15
N LEU A 2 8.44 -1.56 -10.92
CA LEU A 2 9.50 -0.87 -10.18
C LEU A 2 9.21 0.62 -10.11
N SER A 3 7.95 0.98 -9.92
CA SER A 3 7.56 2.38 -9.82
C SER A 3 6.06 2.50 -9.55
N LEU A 4 5.35 1.37 -9.62
CA LEU A 4 3.91 1.36 -9.38
C LEU A 4 3.56 0.40 -8.25
N ILE A 5 4.52 -0.44 -7.88
CA ILE A 5 4.30 -1.40 -6.81
C ILE A 5 4.26 -0.73 -5.44
N PRO A 6 5.07 0.29 -5.23
CA PRO A 6 5.12 1.01 -3.92
C PRO A 6 3.75 1.55 -3.51
N HIS A 7 3.03 2.12 -4.47
CA HIS A 7 1.70 2.66 -4.18
C HIS A 7 0.80 1.59 -3.58
N ALA A 8 0.91 0.37 -4.09
CA ALA A 8 0.10 -0.73 -3.59
C ALA A 8 0.35 -0.95 -2.10
N ILE A 9 1.61 -0.89 -1.71
CA ILE A 9 1.98 -1.09 -0.31
C ILE A 9 1.26 -0.08 0.58
N ASN A 10 1.53 1.20 0.35
CA ASN A 10 0.89 2.25 1.15
C ASN A 10 -0.60 1.99 1.29
N ALA A 11 -1.22 1.47 0.24
CA ALA A 11 -2.64 1.18 0.26
C ALA A 11 -2.97 0.17 1.36
N VAL A 12 -2.03 -0.72 1.64
CA VAL A 12 -2.23 -1.73 2.67
C VAL A 12 -2.03 -1.13 4.06
N SER A 13 -1.12 -0.17 4.17
CA SER A 13 -0.84 0.47 5.46
C SER A 13 -2.13 0.93 6.12
N THR A 14 -3.18 1.09 5.33
CA THR A 14 -4.47 1.52 5.86
C THR A 14 -5.21 0.36 6.49
N LEU A 15 -5.17 -0.76 5.80
CA LEU A 15 -5.83 -1.97 6.29
C LEU A 15 -5.31 -2.35 7.66
N VAL A 16 -3.99 -2.37 7.80
CA VAL A 16 -3.36 -2.72 9.06
C VAL A 16 -3.72 -1.70 10.13
N HIS A 17 -4.06 -0.49 9.70
CA HIS A 17 -4.42 0.58 10.63
C HIS A 17 -5.81 0.34 11.20
N HIS A 18 -6.78 0.10 10.32
CA HIS A 18 -8.14 -0.14 10.74
C HIS A 18 -8.28 -1.54 11.34
N PHE A 19 -8.11 -2.56 10.52
CA PHE A 19 -8.20 -3.94 10.97
C PHE A 19 -7.04 -4.28 11.88
N NH2 A 20 -6.47 -3.35 12.59
HN1 NH2 A 20 -5.72 -3.57 13.18
HN2 NH2 A 20 -6.81 -2.42 12.53
N PHE A 1 9.68 1.15 -15.04
CA PHE A 1 8.48 0.27 -15.15
C PHE A 1 7.73 0.26 -13.82
N LEU A 2 8.43 0.59 -12.74
CA LEU A 2 7.81 0.63 -11.42
C LEU A 2 7.07 1.94 -11.21
N SER A 3 5.82 1.83 -10.77
CA SER A 3 5.00 3.02 -10.52
C SER A 3 3.61 2.62 -10.05
N LEU A 4 3.38 1.32 -9.89
CA LEU A 4 2.10 0.81 -9.43
C LEU A 4 2.25 0.07 -8.11
N ILE A 5 3.41 -0.55 -7.92
CA ILE A 5 3.68 -1.29 -6.70
C ILE A 5 3.93 -0.36 -5.51
N PRO A 6 4.55 0.76 -5.73
CA PRO A 6 4.85 1.74 -4.65
C PRO A 6 3.59 2.19 -3.93
N HIS A 7 2.49 2.24 -4.65
CA HIS A 7 1.21 2.66 -4.07
C HIS A 7 0.55 1.50 -3.35
N ALA A 8 0.81 0.28 -3.82
CA ALA A 8 0.24 -0.91 -3.21
C ALA A 8 0.71 -1.06 -1.77
N ILE A 9 2.01 -0.94 -1.57
CA ILE A 9 2.59 -1.08 -0.23
C ILE A 9 1.82 -0.20 0.76
N ASN A 10 1.85 1.10 0.55
CA ASN A 10 1.16 2.03 1.43
C ASN A 10 -0.29 1.61 1.62
N ALA A 11 -0.97 1.30 0.52
CA ALA A 11 -2.36 0.87 0.59
C ALA A 11 -2.56 -0.14 1.71
N VAL A 12 -1.67 -1.12 1.79
CA VAL A 12 -1.75 -2.14 2.81
C VAL A 12 -1.63 -1.52 4.20
N SER A 13 -0.57 -0.74 4.40
CA SER A 13 -0.35 -0.10 5.70
C SER A 13 -1.61 0.62 6.16
N THR A 14 -2.51 0.91 5.21
CA THR A 14 -3.75 1.60 5.54
C THR A 14 -4.81 0.59 6.00
N LEU A 15 -4.78 -0.58 5.40
CA LEU A 15 -5.72 -1.63 5.74
C LEU A 15 -5.55 -2.02 7.20
N VAL A 16 -4.30 -2.18 7.60
CA VAL A 16 -4.00 -2.54 8.98
C VAL A 16 -4.37 -1.41 9.93
N HIS A 17 -4.65 -0.23 9.37
CA HIS A 17 -5.02 0.91 10.19
C HIS A 17 -6.19 0.56 11.10
N HIS A 18 -7.31 0.18 10.49
CA HIS A 18 -8.50 -0.19 11.25
C HIS A 18 -8.44 -1.66 11.63
N PHE A 19 -8.22 -2.50 10.65
CA PHE A 19 -8.14 -3.94 10.88
C PHE A 19 -7.18 -4.24 12.02
N NH2 A 20 -5.90 -4.24 11.80
HN1 NH2 A 20 -5.27 -4.44 12.53
HN2 NH2 A 20 -5.56 -4.05 10.90
N PHE A 1 6.91 -0.89 -15.81
CA PHE A 1 6.17 0.32 -15.34
C PHE A 1 6.37 0.48 -13.83
N LEU A 2 7.54 0.98 -13.44
CA LEU A 2 7.83 1.18 -12.03
C LEU A 2 6.82 2.12 -11.40
N SER A 3 7.03 2.45 -10.13
CA SER A 3 6.12 3.34 -9.42
C SER A 3 4.69 2.82 -9.48
N LEU A 4 4.55 1.50 -9.55
CA LEU A 4 3.23 0.87 -9.61
C LEU A 4 2.97 0.01 -8.39
N ILE A 5 3.84 -0.97 -8.14
CA ILE A 5 3.69 -1.86 -7.01
C ILE A 5 3.99 -1.15 -5.69
N PRO A 6 4.97 -0.27 -5.67
CA PRO A 6 5.35 0.47 -4.43
C PRO A 6 4.18 1.27 -3.85
N HIS A 7 3.43 1.93 -4.73
CA HIS A 7 2.28 2.72 -4.30
C HIS A 7 1.27 1.85 -3.58
N ALA A 8 1.16 0.60 -3.99
CA ALA A 8 0.22 -0.33 -3.38
C ALA A 8 0.51 -0.49 -1.89
N ILE A 9 1.78 -0.68 -1.56
CA ILE A 9 2.19 -0.85 -0.17
C ILE A 9 1.55 0.23 0.71
N ASN A 10 1.67 1.48 0.29
CA ASN A 10 1.11 2.59 1.05
C ASN A 10 -0.38 2.37 1.30
N ALA A 11 -1.06 1.77 0.34
CA ALA A 11 -2.49 1.51 0.45
C ALA A 11 -2.76 0.50 1.58
N VAL A 12 -2.01 -0.60 1.57
CA VAL A 12 -2.18 -1.63 2.59
C VAL A 12 -2.08 -1.04 3.98
N SER A 13 -1.13 -0.12 4.16
CA SER A 13 -0.94 0.52 5.46
C SER A 13 -2.28 0.96 6.04
N THR A 14 -3.30 1.04 5.18
CA THR A 14 -4.62 1.46 5.63
C THR A 14 -5.34 0.30 6.30
N LEU A 15 -5.24 -0.86 5.70
CA LEU A 15 -5.87 -2.05 6.23
C LEU A 15 -5.41 -2.27 7.66
N VAL A 16 -4.11 -2.09 7.88
CA VAL A 16 -3.54 -2.26 9.22
C VAL A 16 -4.08 -1.21 10.17
N HIS A 17 -4.63 -0.13 9.61
CA HIS A 17 -5.19 0.94 10.42
C HIS A 17 -6.41 0.45 11.19
N HIS A 18 -7.25 -0.33 10.51
CA HIS A 18 -8.46 -0.86 11.13
C HIS A 18 -8.19 -2.25 11.72
N PHE A 19 -7.83 -3.19 10.85
CA PHE A 19 -7.54 -4.55 11.29
C PHE A 19 -6.66 -4.54 12.52
N NH2 A 20 -5.46 -4.03 12.45
HN1 NH2 A 20 -4.87 -4.01 13.25
HN2 NH2 A 20 -5.14 -3.64 11.60
N PHE A 1 10.28 1.60 -14.58
CA PHE A 1 11.34 2.03 -13.64
C PHE A 1 10.80 2.03 -12.21
N LEU A 2 9.72 1.26 -12.00
CA LEU A 2 9.10 1.18 -10.68
C LEU A 2 8.69 2.57 -10.20
N SER A 3 7.40 2.73 -9.90
CA SER A 3 6.89 4.00 -9.42
C SER A 3 5.40 3.91 -9.11
N LEU A 4 4.82 2.74 -9.39
CA LEU A 4 3.40 2.52 -9.14
C LEU A 4 3.21 1.43 -8.09
N ILE A 5 4.24 0.62 -7.88
CA ILE A 5 4.17 -0.46 -6.91
C ILE A 5 4.20 0.08 -5.48
N PRO A 6 4.96 1.12 -5.23
CA PRO A 6 5.08 1.72 -3.86
C PRO A 6 3.72 2.14 -3.32
N HIS A 7 2.76 2.38 -4.21
CA HIS A 7 1.42 2.78 -3.80
C HIS A 7 0.63 1.58 -3.28
N ALA A 8 0.86 0.43 -3.91
CA ALA A 8 0.17 -0.80 -3.51
C ALA A 8 0.47 -1.12 -2.05
N ILE A 9 1.74 -1.04 -1.67
CA ILE A 9 2.15 -1.33 -0.30
C ILE A 9 1.37 -0.45 0.68
N ASN A 10 1.20 0.81 0.33
CA ASN A 10 0.47 1.74 1.19
C ASN A 10 -0.95 1.26 1.42
N ALA A 11 -1.62 0.89 0.34
CA ALA A 11 -3.00 0.40 0.43
C ALA A 11 -3.12 -0.68 1.50
N VAL A 12 -2.07 -1.48 1.63
CA VAL A 12 -2.06 -2.55 2.61
C VAL A 12 -1.81 -2.01 4.01
N SER A 13 -0.76 -1.20 4.15
CA SER A 13 -0.42 -0.63 5.45
C SER A 13 -1.59 0.17 6.00
N THR A 14 -2.49 0.60 5.11
CA THR A 14 -3.65 1.37 5.54
C THR A 14 -4.70 0.46 6.17
N LEU A 15 -4.80 -0.74 5.63
CA LEU A 15 -5.75 -1.72 6.13
C LEU A 15 -5.41 -2.10 7.57
N VAL A 16 -4.13 -2.42 7.80
CA VAL A 16 -3.69 -2.79 9.14
C VAL A 16 -3.86 -1.63 10.12
N HIS A 17 -4.04 -0.43 9.57
CA HIS A 17 -4.22 0.76 10.41
C HIS A 17 -5.48 0.64 11.25
N HIS A 18 -6.64 0.70 10.60
CA HIS A 18 -7.91 0.59 11.31
C HIS A 18 -8.27 -0.88 11.52
N PHE A 19 -8.46 -1.60 10.43
CA PHE A 19 -8.80 -3.02 10.52
C PHE A 19 -7.67 -3.81 11.15
N NH2 A 20 -6.49 -3.25 11.27
HN1 NH2 A 20 -5.76 -3.77 11.68
HN2 NH2 A 20 -6.35 -2.33 10.97
N PHE A 1 7.51 7.26 -13.48
CA PHE A 1 8.90 6.78 -13.20
C PHE A 1 8.90 6.00 -11.89
N LEU A 2 8.78 4.67 -12.00
CA LEU A 2 8.76 3.82 -10.82
C LEU A 2 7.85 4.39 -9.75
N SER A 3 8.28 4.33 -8.50
CA SER A 3 7.48 4.84 -7.39
C SER A 3 6.00 4.50 -7.58
N LEU A 4 5.75 3.33 -8.16
CA LEU A 4 4.37 2.88 -8.40
C LEU A 4 4.05 1.69 -7.52
N ILE A 5 5.08 0.97 -7.09
CA ILE A 5 4.90 -0.20 -6.25
C ILE A 5 4.51 0.20 -4.82
N PRO A 6 5.04 1.28 -4.32
CA PRO A 6 4.73 1.77 -2.94
C PRO A 6 3.23 2.00 -2.73
N HIS A 7 2.62 2.71 -3.67
CA HIS A 7 1.18 2.99 -3.59
C HIS A 7 0.39 1.72 -3.32
N ALA A 8 0.83 0.62 -3.94
CA ALA A 8 0.14 -0.66 -3.76
C ALA A 8 0.22 -1.11 -2.32
N ILE A 9 1.44 -1.20 -1.79
CA ILE A 9 1.63 -1.63 -0.41
C ILE A 9 0.95 -0.66 0.55
N ASN A 10 1.27 0.63 0.41
CA ASN A 10 0.68 1.65 1.28
C ASN A 10 -0.82 1.42 1.44
N ALA A 11 -1.49 1.13 0.34
CA ALA A 11 -2.94 0.90 0.36
C ALA A 11 -3.28 -0.21 1.37
N VAL A 12 -2.78 -1.41 1.10
CA VAL A 12 -3.04 -2.54 1.98
C VAL A 12 -2.57 -2.24 3.40
N SER A 13 -1.36 -1.71 3.51
CA SER A 13 -0.80 -1.38 4.83
C SER A 13 -1.78 -0.50 5.61
N THR A 14 -2.76 0.07 4.91
CA THR A 14 -3.75 0.91 5.56
C THR A 14 -4.76 0.07 6.32
N LEU A 15 -5.10 -1.06 5.74
CA LEU A 15 -6.05 -1.97 6.36
C LEU A 15 -5.52 -2.42 7.72
N VAL A 16 -4.22 -2.71 7.76
CA VAL A 16 -3.58 -3.12 8.99
C VAL A 16 -3.44 -1.95 9.95
N HIS A 17 -3.52 -0.74 9.40
CA HIS A 17 -3.41 0.47 10.21
C HIS A 17 -4.74 0.80 10.87
N HIS A 18 -5.80 0.85 10.07
CA HIS A 18 -7.12 1.16 10.59
C HIS A 18 -7.73 -0.05 11.28
N PHE A 19 -8.05 -1.08 10.49
CA PHE A 19 -8.63 -2.30 11.04
C PHE A 19 -7.58 -3.09 11.81
N NH2 A 20 -6.39 -3.27 11.30
HN1 NH2 A 20 -5.72 -3.78 11.79
HN2 NH2 A 20 -6.18 -2.89 10.42
#